data_5DT4
#
_entry.id   5DT4
#
_cell.length_a   82.500
_cell.length_b   82.500
_cell.length_c   170.020
_cell.angle_alpha   90.00
_cell.angle_beta   90.00
_cell.angle_gamma   120.00
#
_symmetry.space_group_name_H-M   'P 61 2 2'
#
loop_
_entity.id
_entity.type
_entity.pdbx_description
1 polymer 'Aurora kinase A'
2 non-polymer 'MAGNESIUM ION'
3 non-polymer '2-(3-bromophenyl)-8-fluoroquinoline-4-carboxylic acid'
4 non-polymer "ADENOSINE-5'-TRIPHOSPHATE"
#
_entity_poly.entity_id   1
_entity_poly.type   'polypeptide(L)'
_entity_poly.pdbx_seq_one_letter_code
;MGRQWALEDFEIGRPLGKGKFGNVYLAREKQSKFILALKVLFKAQLEKAGVEHQLRREVEIQSHLRHPNILRLYGYFHDA
TRVYLILEYAPLGTVYRELQKLSKFDEQRTATYITELANALSYCHSKRVIHRDIKPENLLLGSAGELKIADFGWSVHAPS
SRRTTLCGTLDYLPPEMIEGRMHDEKVDLWSLGVLCYEFLVGKPPFEANTYQETYKRISRVEFTFPDFVTEGARDLISRL
LKHNPSQRPMLREVLEHPWITANSSKPHHHHHH
;
_entity_poly.pdbx_strand_id   A
#
loop_
_chem_comp.id
_chem_comp.type
_chem_comp.name
_chem_comp.formula
5DN non-polymer '2-(3-bromophenyl)-8-fluoroquinoline-4-carboxylic acid' 'C16 H9 Br F N O2'
ATP non-polymer ADENOSINE-5'-TRIPHOSPHATE 'C10 H16 N5 O13 P3'
MG non-polymer 'MAGNESIUM ION' 'Mg 2'
#
# COMPACT_ATOMS: atom_id res chain seq x y z
N GLN A 4 -25.75 5.83 -11.65
CA GLN A 4 -25.46 5.43 -13.01
C GLN A 4 -24.75 4.10 -13.01
N TRP A 5 -25.07 3.29 -12.02
CA TRP A 5 -24.49 1.97 -11.88
C TRP A 5 -25.42 1.15 -11.02
N ALA A 6 -25.40 -0.15 -11.18
CA ALA A 6 -26.30 -0.98 -10.38
C ALA A 6 -25.71 -2.39 -10.25
N LEU A 7 -26.08 -3.11 -9.19
CA LEU A 7 -25.60 -4.46 -8.95
C LEU A 7 -26.02 -5.43 -10.06
N GLU A 8 -27.18 -5.19 -10.70
CA GLU A 8 -27.67 -6.05 -11.77
C GLU A 8 -26.96 -5.82 -13.12
N ASP A 9 -25.88 -5.03 -13.13
CA ASP A 9 -25.07 -4.81 -14.33
C ASP A 9 -23.86 -5.77 -14.25
N PHE A 10 -23.67 -6.40 -13.07
CA PHE A 10 -22.54 -7.28 -12.78
C PHE A 10 -22.89 -8.71 -12.45
N GLU A 11 -22.15 -9.63 -13.11
CA GLU A 11 -22.15 -11.07 -12.88
C GLU A 11 -20.99 -11.33 -11.88
N ILE A 12 -21.32 -11.58 -10.62
CA ILE A 12 -20.38 -11.78 -9.52
C ILE A 12 -19.76 -13.16 -9.58
N GLY A 13 -18.50 -13.24 -9.19
CA GLY A 13 -17.77 -14.48 -9.13
C GLY A 13 -17.13 -14.74 -7.78
N ARG A 14 -15.98 -15.38 -7.85
CA ARG A 14 -15.13 -15.79 -6.74
C ARG A 14 -14.68 -14.66 -5.81
N PRO A 15 -14.64 -14.88 -4.46
CA PRO A 15 -14.03 -13.87 -3.57
C PRO A 15 -12.55 -13.69 -3.91
N LEU A 16 -12.01 -12.46 -3.80
CA LEU A 16 -10.62 -12.16 -4.13
C LEU A 16 -9.75 -12.00 -2.90
N GLY A 17 -10.31 -11.38 -1.89
CA GLY A 17 -9.67 -11.14 -0.61
C GLY A 17 -10.70 -10.63 0.38
N LYS A 18 -10.32 -10.53 1.64
CA LYS A 18 -11.25 -10.02 2.65
C LYS A 18 -10.71 -8.71 3.16
N GLY A 19 -11.60 -7.73 3.22
CA GLY A 19 -11.26 -6.41 3.71
C GLY A 19 -11.59 -6.29 5.18
N LYS A 20 -11.64 -5.05 5.67
CA LYS A 20 -11.96 -4.78 7.06
C LYS A 20 -13.48 -4.70 7.22
N PHE A 21 -14.16 -4.02 6.26
CA PHE A 21 -15.60 -3.77 6.30
C PHE A 21 -16.39 -4.60 5.27
N GLY A 22 -15.71 -5.51 4.59
CA GLY A 22 -16.31 -6.36 3.56
C GLY A 22 -15.31 -6.88 2.54
N ASN A 23 -15.75 -7.92 1.82
CA ASN A 23 -14.96 -8.65 0.82
C ASN A 23 -14.88 -8.02 -0.60
N VAL A 24 -13.84 -8.41 -1.34
CA VAL A 24 -13.64 -8.03 -2.73
C VAL A 24 -14.03 -9.26 -3.54
N TYR A 25 -14.82 -9.08 -4.58
CA TYR A 25 -15.27 -10.20 -5.41
C TYR A 25 -14.85 -10.01 -6.85
N LEU A 26 -14.49 -11.11 -7.53
CA LEU A 26 -14.17 -11.02 -8.96
C LEU A 26 -15.54 -10.83 -9.66
N ALA A 27 -15.65 -9.91 -10.61
CA ALA A 27 -16.96 -9.74 -11.25
C ALA A 27 -16.84 -9.33 -12.68
N ARG A 28 -17.95 -9.44 -13.40
CA ARG A 28 -17.94 -9.07 -14.80
C ARG A 28 -19.11 -8.17 -15.15
N GLU A 29 -18.83 -7.07 -15.87
CA GLU A 29 -19.88 -6.16 -16.35
C GLU A 29 -20.56 -6.94 -17.49
N LYS A 30 -21.85 -7.27 -17.31
CA LYS A 30 -22.67 -8.04 -18.27
C LYS A 30 -22.64 -7.53 -19.73
N GLN A 31 -22.88 -6.23 -19.92
CA GLN A 31 -22.97 -5.61 -21.23
C GLN A 31 -21.65 -5.56 -22.01
N SER A 32 -20.52 -5.39 -21.32
CA SER A 32 -19.22 -5.27 -21.98
C SER A 32 -18.35 -6.52 -21.89
N LYS A 33 -18.71 -7.44 -20.96
CA LYS A 33 -17.99 -8.67 -20.63
C LYS A 33 -16.65 -8.31 -19.90
N PHE A 34 -16.56 -7.08 -19.34
CA PHE A 34 -15.41 -6.51 -18.62
C PHE A 34 -15.10 -7.15 -17.26
N ILE A 35 -13.83 -7.60 -17.07
CA ILE A 35 -13.41 -8.22 -15.81
C ILE A 35 -12.83 -7.16 -14.90
N LEU A 36 -13.42 -7.12 -13.71
CA LEU A 36 -13.13 -6.16 -12.69
C LEU A 36 -13.28 -6.80 -11.34
N ALA A 37 -12.88 -6.07 -10.30
CA ALA A 37 -13.05 -6.45 -8.92
C ALA A 37 -14.04 -5.47 -8.28
N LEU A 38 -15.04 -6.02 -7.56
CA LEU A 38 -16.05 -5.27 -6.82
C LEU A 38 -15.73 -5.36 -5.33
N LYS A 39 -15.34 -4.23 -4.72
CA LYS A 39 -15.08 -4.17 -3.27
C LYS A 39 -16.42 -3.80 -2.62
N VAL A 40 -16.95 -4.71 -1.82
CA VAL A 40 -18.23 -4.53 -1.13
C VAL A 40 -17.96 -4.11 0.30
N LEU A 41 -18.74 -3.15 0.80
CA LEU A 41 -18.62 -2.66 2.17
C LEU A 41 -20.01 -2.59 2.75
N PHE A 42 -20.17 -3.01 4.01
CA PHE A 42 -21.48 -2.98 4.64
C PHE A 42 -21.70 -1.68 5.41
N LYS A 43 -22.75 -0.93 5.00
CA LYS A 43 -23.17 0.36 5.56
C LYS A 43 -23.26 0.34 7.08
N ALA A 44 -23.77 -0.78 7.65
CA ALA A 44 -23.90 -1.03 9.09
C ALA A 44 -22.56 -0.93 9.83
N GLN A 45 -21.55 -1.65 9.31
CA GLN A 45 -20.20 -1.73 9.89
C GLN A 45 -19.42 -0.42 9.79
N LEU A 46 -19.50 0.29 8.64
CA LEU A 46 -18.80 1.57 8.42
C LEU A 46 -19.39 2.64 9.32
N GLU A 47 -20.72 2.54 9.59
CA GLU A 47 -21.51 3.42 10.47
C GLU A 47 -21.04 3.23 11.89
N LYS A 48 -21.16 1.96 12.40
CA LYS A 48 -20.77 1.50 13.75
C LYS A 48 -19.29 1.76 14.07
N ALA A 49 -18.54 2.32 13.08
CA ALA A 49 -17.12 2.69 13.13
C ALA A 49 -16.91 4.19 12.87
N GLY A 50 -17.81 4.79 12.07
CA GLY A 50 -17.76 6.20 11.69
C GLY A 50 -16.59 6.49 10.75
N VAL A 51 -16.56 5.79 9.62
CA VAL A 51 -15.49 5.94 8.63
C VAL A 51 -16.05 6.27 7.24
N GLU A 52 -17.31 6.68 7.14
CA GLU A 52 -17.78 7.03 5.81
C GLU A 52 -16.58 7.88 5.67
N HIS A 53 -16.64 9.07 6.24
CA HIS A 53 -15.44 9.87 6.26
C HIS A 53 -14.50 9.47 5.15
N GLN A 54 -13.63 8.52 5.47
CA GLN A 54 -12.58 8.05 4.59
C GLN A 54 -13.09 7.37 3.33
N LEU A 55 -14.13 6.55 3.45
CA LEU A 55 -14.65 5.84 2.27
C LEU A 55 -14.90 6.83 1.13
N ARG A 56 -15.49 8.00 1.44
CA ARG A 56 -15.74 9.08 0.47
C ARG A 56 -14.42 9.76 0.03
N ARG A 57 -13.42 9.77 0.93
CA ARG A 57 -12.08 10.31 0.68
C ARG A 57 -11.31 9.35 -0.23
N GLU A 58 -11.36 8.02 0.08
CA GLU A 58 -10.76 6.93 -0.71
C GLU A 58 -11.23 7.09 -2.18
N VAL A 59 -12.58 7.10 -2.40
CA VAL A 59 -13.23 7.21 -3.71
C VAL A 59 -12.81 8.47 -4.45
N GLU A 60 -12.78 9.64 -3.77
CA GLU A 60 -12.38 10.87 -4.44
C GLU A 60 -10.93 10.75 -4.88
N ILE A 61 -10.01 10.52 -3.91
CA ILE A 61 -8.57 10.40 -4.16
C ILE A 61 -8.28 9.38 -5.30
N GLN A 62 -8.81 8.13 -5.17
CA GLN A 62 -8.59 7.04 -6.12
C GLN A 62 -9.16 7.23 -7.54
N SER A 63 -10.31 7.91 -7.69
CA SER A 63 -10.87 8.09 -9.03
C SER A 63 -10.07 9.08 -9.89
N HIS A 64 -9.34 9.99 -9.24
CA HIS A 64 -8.54 11.00 -9.91
C HIS A 64 -7.09 10.60 -10.18
N LEU A 65 -6.64 9.43 -9.67
CA LEU A 65 -5.25 9.02 -9.91
C LEU A 65 -5.13 8.12 -11.15
N ARG A 66 -4.22 8.49 -12.07
CA ARG A 66 -3.95 7.75 -13.30
C ARG A 66 -2.46 7.52 -13.37
N HIS A 67 -2.05 6.26 -13.14
CA HIS A 67 -0.67 5.80 -13.13
C HIS A 67 -0.66 4.30 -13.37
N PRO A 68 0.34 3.74 -14.09
CA PRO A 68 0.35 2.28 -14.31
C PRO A 68 0.63 1.45 -13.05
N ASN A 69 1.14 2.12 -11.98
CA ASN A 69 1.49 1.52 -10.70
C ASN A 69 0.54 1.85 -9.58
N ILE A 70 -0.63 2.43 -9.92
CA ILE A 70 -1.74 2.74 -9.01
C ILE A 70 -3.03 1.99 -9.55
N LEU A 71 -3.81 1.37 -8.67
CA LEU A 71 -5.03 0.63 -9.02
C LEU A 71 -6.24 1.54 -9.41
N ARG A 72 -6.70 1.44 -10.66
CA ARG A 72 -7.83 2.23 -11.13
C ARG A 72 -9.09 2.00 -10.37
N LEU A 73 -9.84 3.07 -10.12
CA LEU A 73 -11.17 2.99 -9.54
C LEU A 73 -12.11 3.48 -10.62
N TYR A 74 -12.89 2.57 -11.17
CA TYR A 74 -13.79 2.88 -12.27
C TYR A 74 -15.10 3.55 -11.83
N GLY A 75 -15.48 3.41 -10.56
CA GLY A 75 -16.72 3.99 -10.07
C GLY A 75 -17.20 3.47 -8.75
N TYR A 76 -18.46 3.78 -8.41
CA TYR A 76 -19.14 3.40 -7.17
C TYR A 76 -20.65 3.40 -7.39
N PHE A 77 -21.40 2.81 -6.45
CA PHE A 77 -22.86 2.71 -6.39
C PHE A 77 -23.23 2.04 -5.03
N HIS A 78 -24.50 2.13 -4.60
CA HIS A 78 -24.90 1.53 -3.32
C HIS A 78 -26.35 1.07 -3.31
N ASP A 79 -26.73 0.28 -2.29
CA ASP A 79 -28.09 -0.22 -2.14
C ASP A 79 -28.59 -0.08 -0.69
N ALA A 80 -29.48 -1.02 -0.25
CA ALA A 80 -30.04 -1.11 1.09
C ALA A 80 -28.94 -1.04 2.18
N THR A 81 -28.12 -2.11 2.35
CA THR A 81 -27.08 -2.07 3.37
C THR A 81 -25.65 -2.19 2.78
N ARG A 82 -25.48 -2.16 1.44
CA ARG A 82 -24.14 -2.30 0.87
C ARG A 82 -23.66 -1.11 0.04
N VAL A 83 -22.34 -0.86 0.10
CA VAL A 83 -21.60 0.15 -0.68
C VAL A 83 -20.60 -0.63 -1.55
N TYR A 84 -20.67 -0.45 -2.88
CA TYR A 84 -19.83 -1.15 -3.85
C TYR A 84 -18.85 -0.24 -4.59
N LEU A 85 -17.55 -0.63 -4.64
CA LEU A 85 -16.55 0.09 -5.42
C LEU A 85 -16.12 -0.78 -6.64
N ILE A 86 -16.19 -0.22 -7.86
CA ILE A 86 -15.75 -0.89 -9.09
C ILE A 86 -14.26 -0.59 -9.28
N LEU A 87 -13.39 -1.58 -9.01
CA LEU A 87 -11.93 -1.46 -9.16
C LEU A 87 -11.35 -2.26 -10.35
N GLU A 88 -10.11 -1.93 -10.73
CA GLU A 88 -9.31 -2.64 -11.73
C GLU A 88 -8.90 -3.99 -11.08
N TYR A 89 -9.13 -5.12 -11.74
CA TYR A 89 -8.77 -6.41 -11.16
C TYR A 89 -7.26 -6.68 -11.34
N ALA A 90 -6.56 -7.05 -10.23
CA ALA A 90 -5.12 -7.42 -10.22
C ALA A 90 -5.01 -8.98 -10.28
N PRO A 91 -4.77 -9.59 -11.49
CA PRO A 91 -4.84 -11.06 -11.62
C PRO A 91 -3.76 -11.89 -10.90
N LEU A 92 -2.63 -11.30 -10.49
CA LEU A 92 -1.58 -12.04 -9.81
C LEU A 92 -1.58 -11.88 -8.29
N GLY A 93 -2.73 -11.49 -7.74
CA GLY A 93 -2.94 -11.34 -6.29
C GLY A 93 -2.16 -10.23 -5.63
N THR A 94 -1.70 -10.47 -4.38
CA THR A 94 -0.96 -9.49 -3.56
C THR A 94 0.51 -9.82 -3.44
N VAL A 95 1.28 -8.81 -2.99
CA VAL A 95 2.69 -8.93 -2.65
C VAL A 95 2.77 -9.72 -1.31
N TYR A 96 1.71 -9.61 -0.48
CA TYR A 96 1.58 -10.38 0.76
C TYR A 96 1.61 -11.91 0.49
N ARG A 97 0.80 -12.43 -0.48
CA ARG A 97 0.76 -13.87 -0.80
C ARG A 97 2.10 -14.35 -1.39
N GLU A 98 2.75 -13.49 -2.22
CA GLU A 98 4.03 -13.83 -2.88
C GLU A 98 5.16 -13.96 -1.89
N LEU A 99 5.07 -13.22 -0.80
CA LEU A 99 6.12 -13.25 0.20
C LEU A 99 5.93 -14.45 1.09
N GLN A 100 4.67 -14.95 1.21
CA GLN A 100 4.38 -16.16 2.00
C GLN A 100 4.90 -17.39 1.27
N LYS A 101 4.75 -17.39 -0.07
CA LYS A 101 5.24 -18.45 -0.95
C LYS A 101 6.78 -18.45 -0.98
N LEU A 102 7.38 -17.36 -1.48
CA LEU A 102 8.83 -17.24 -1.62
C LEU A 102 9.62 -17.07 -0.32
N SER A 103 8.92 -16.80 0.82
CA SER A 103 9.48 -16.52 2.16
C SER A 103 10.17 -15.14 2.22
N LYS A 104 11.12 -14.88 1.29
CA LYS A 104 11.84 -13.62 1.08
C LYS A 104 12.20 -13.44 -0.41
N PHE A 105 12.41 -12.20 -0.86
CA PHE A 105 12.70 -11.88 -2.26
C PHE A 105 14.19 -11.55 -2.48
N ASP A 106 14.64 -11.81 -3.72
CA ASP A 106 15.99 -11.53 -4.18
C ASP A 106 16.13 -10.00 -4.37
N GLU A 107 17.38 -9.49 -4.48
CA GLU A 107 17.61 -8.06 -4.61
C GLU A 107 16.99 -7.49 -5.85
N GLN A 108 16.91 -8.29 -6.93
CA GLN A 108 16.32 -7.83 -8.20
C GLN A 108 14.83 -7.56 -8.07
N ARG A 109 14.08 -8.55 -7.55
CA ARG A 109 12.63 -8.47 -7.31
C ARG A 109 12.29 -7.31 -6.37
N THR A 110 13.12 -7.14 -5.29
CA THR A 110 12.92 -6.09 -4.32
C THR A 110 13.14 -4.71 -4.94
N ALA A 111 14.31 -4.48 -5.56
CA ALA A 111 14.65 -3.18 -6.12
C ALA A 111 13.60 -2.72 -7.14
N THR A 112 13.12 -3.67 -7.98
CA THR A 112 12.09 -3.46 -8.99
C THR A 112 10.78 -2.99 -8.35
N TYR A 113 10.34 -3.67 -7.26
CA TYR A 113 9.13 -3.31 -6.49
C TYR A 113 9.32 -1.96 -5.82
N ILE A 114 10.53 -1.69 -5.26
CA ILE A 114 10.87 -0.40 -4.64
C ILE A 114 10.83 0.73 -5.68
N THR A 115 11.27 0.44 -6.93
CA THR A 115 11.23 1.36 -8.08
C THR A 115 9.76 1.68 -8.46
N GLU A 116 8.94 0.63 -8.64
CA GLU A 116 7.53 0.79 -8.96
C GLU A 116 6.78 1.59 -7.87
N LEU A 117 7.11 1.34 -6.57
CA LEU A 117 6.55 2.02 -5.39
C LEU A 117 6.89 3.52 -5.44
N ALA A 118 8.18 3.85 -5.63
CA ALA A 118 8.70 5.22 -5.74
C ALA A 118 8.00 5.98 -6.88
N ASN A 119 7.91 5.38 -8.09
CA ASN A 119 7.21 5.98 -9.21
C ASN A 119 5.79 6.40 -8.79
N ALA A 120 4.96 5.43 -8.41
CA ALA A 120 3.58 5.61 -7.95
C ALA A 120 3.46 6.63 -6.82
N LEU A 121 4.45 6.62 -5.90
CA LEU A 121 4.46 7.55 -4.78
C LEU A 121 4.76 8.98 -5.24
N SER A 122 5.76 9.18 -6.13
CA SER A 122 6.09 10.50 -6.70
C SER A 122 4.80 11.10 -7.22
N TYR A 123 4.11 10.38 -8.14
CA TYR A 123 2.81 10.77 -8.68
C TYR A 123 1.82 11.25 -7.58
N CYS A 124 1.63 10.44 -6.52
CA CYS A 124 0.72 10.78 -5.42
C CYS A 124 1.15 12.07 -4.74
N HIS A 125 2.44 12.17 -4.36
CA HIS A 125 3.03 13.33 -3.66
C HIS A 125 3.01 14.62 -4.53
N SER A 126 3.06 14.47 -5.86
CA SER A 126 2.98 15.54 -6.83
C SER A 126 1.52 16.09 -6.94
N LYS A 127 0.56 15.49 -6.19
CA LYS A 127 -0.84 15.90 -6.13
C LYS A 127 -1.16 16.15 -4.66
N ARG A 128 -0.07 16.20 -3.84
CA ARG A 128 -0.02 16.40 -2.38
C ARG A 128 -0.86 15.36 -1.66
N VAL A 129 -0.80 14.11 -2.17
CA VAL A 129 -1.55 12.96 -1.67
C VAL A 129 -0.62 11.97 -0.98
N ILE A 130 -0.92 11.66 0.28
CA ILE A 130 -0.14 10.74 1.10
C ILE A 130 -0.94 9.47 1.32
N HIS A 131 -0.37 8.31 0.95
CA HIS A 131 -1.05 7.01 1.07
C HIS A 131 -1.28 6.60 2.52
N ARG A 132 -0.21 6.61 3.36
CA ARG A 132 -0.18 6.30 4.81
C ARG A 132 -0.48 4.83 5.18
N ASP A 133 -1.03 4.01 4.24
CA ASP A 133 -1.36 2.61 4.46
C ASP A 133 -0.62 1.67 3.47
N ILE A 134 0.65 2.00 3.16
CA ILE A 134 1.48 1.17 2.29
C ILE A 134 1.88 -0.11 3.10
N LYS A 135 1.33 -1.27 2.72
CA LYS A 135 1.54 -2.57 3.37
C LYS A 135 1.55 -3.62 2.27
N PRO A 136 2.21 -4.78 2.42
CA PRO A 136 2.13 -5.80 1.35
C PRO A 136 0.71 -6.32 1.08
N GLU A 137 -0.23 -6.21 2.06
CA GLU A 137 -1.64 -6.65 1.88
C GLU A 137 -2.40 -5.74 0.87
N ASN A 138 -1.88 -4.48 0.64
CA ASN A 138 -2.36 -3.39 -0.24
C ASN A 138 -1.49 -3.17 -1.52
N LEU A 139 -0.52 -4.03 -1.78
CA LEU A 139 0.31 -4.00 -2.99
C LEU A 139 -0.12 -5.19 -3.85
N LEU A 140 -0.77 -4.90 -4.95
CA LEU A 140 -1.32 -5.88 -5.89
C LEU A 140 -0.45 -6.08 -7.13
N LEU A 141 -0.62 -7.23 -7.79
CA LEU A 141 0.18 -7.52 -8.96
C LEU A 141 -0.68 -7.67 -10.21
N GLY A 142 -0.35 -6.90 -11.24
CA GLY A 142 -1.02 -6.96 -12.54
C GLY A 142 -0.49 -8.12 -13.35
N SER A 143 -1.15 -8.43 -14.48
CA SER A 143 -0.82 -9.56 -15.37
C SER A 143 0.66 -9.69 -15.83
N ALA A 144 1.47 -8.62 -15.76
CA ALA A 144 2.88 -8.67 -16.18
C ALA A 144 3.80 -8.66 -14.94
N GLY A 145 3.18 -8.83 -13.77
CA GLY A 145 3.84 -8.85 -12.47
C GLY A 145 4.19 -7.48 -11.92
N GLU A 146 3.60 -6.44 -12.50
CA GLU A 146 3.86 -5.08 -12.09
C GLU A 146 3.08 -4.73 -10.83
N LEU A 147 3.75 -4.04 -9.93
CA LEU A 147 3.17 -3.60 -8.68
C LEU A 147 2.09 -2.59 -8.97
N LYS A 148 1.05 -2.59 -8.15
CA LYS A 148 -0.08 -1.65 -8.24
C LYS A 148 -0.53 -1.31 -6.80
N ILE A 149 -0.45 -0.03 -6.45
CA ILE A 149 -0.82 0.42 -5.11
C ILE A 149 -2.34 0.45 -5.05
N ALA A 150 -2.91 -0.10 -3.96
CA ALA A 150 -4.35 -0.16 -3.76
C ALA A 150 -4.73 0.31 -2.36
N ASP A 151 -6.04 0.28 -2.04
CA ASP A 151 -6.57 0.62 -0.71
C ASP A 151 -6.16 2.05 -0.28
N PHE A 152 -6.97 3.01 -0.70
CA PHE A 152 -6.75 4.42 -0.38
C PHE A 152 -7.68 4.93 0.72
N GLY A 153 -8.15 4.02 1.58
CA GLY A 153 -9.03 4.31 2.71
C GLY A 153 -8.42 5.29 3.69
N TRP A 154 -7.13 5.09 4.00
CA TRP A 154 -6.36 5.91 4.95
C TRP A 154 -5.60 7.08 4.31
N SER A 155 -5.60 7.19 2.97
CA SER A 155 -4.94 8.30 2.28
C SER A 155 -5.65 9.60 2.55
N VAL A 156 -4.92 10.71 2.49
CA VAL A 156 -5.39 12.07 2.75
C VAL A 156 -4.44 13.05 2.06
N HIS A 157 -4.73 14.37 2.15
CA HIS A 157 -3.88 15.41 1.58
C HIS A 157 -2.88 15.93 2.62
N ALA A 158 -1.61 16.15 2.19
CA ALA A 158 -0.49 16.60 3.04
C ALA A 158 -0.52 18.11 3.34
N PRO A 159 -0.34 18.55 4.62
CA PRO A 159 -0.11 17.77 5.85
C PRO A 159 -1.39 17.30 6.58
N SER A 160 -1.24 16.50 7.67
CA SER A 160 -2.36 15.94 8.46
C SER A 160 -1.97 15.60 9.93
N SER A 161 -2.99 15.23 10.77
CA SER A 161 -2.86 14.83 12.18
C SER A 161 -3.77 13.62 12.50
N CYS A 167 -5.82 2.17 13.37
CA CYS A 167 -6.71 1.04 13.60
C CYS A 167 -5.97 -0.32 13.74
N GLY A 168 -5.19 -0.70 12.72
CA GLY A 168 -4.49 -1.98 12.65
C GLY A 168 -3.10 -2.00 13.25
N THR A 169 -2.25 -2.89 12.72
CA THR A 169 -0.86 -3.09 13.18
C THR A 169 0.03 -1.88 12.86
N LEU A 170 0.91 -1.56 13.79
CA LEU A 170 1.72 -0.35 13.76
C LEU A 170 3.00 -0.49 12.93
N ASP A 171 3.20 -1.64 12.32
CA ASP A 171 4.49 -1.97 11.72
C ASP A 171 4.94 -1.00 10.64
N TYR A 172 4.03 -0.58 9.78
CA TYR A 172 4.41 0.25 8.64
C TYR A 172 4.30 1.77 8.87
N LEU A 173 3.88 2.14 10.06
CA LEU A 173 3.69 3.55 10.44
C LEU A 173 4.96 4.21 10.96
N PRO A 174 5.22 5.47 10.54
CA PRO A 174 6.41 6.17 11.03
C PRO A 174 6.22 6.66 12.47
N PRO A 175 7.31 6.94 13.23
CA PRO A 175 7.13 7.43 14.61
C PRO A 175 6.20 8.64 14.73
N GLU A 176 6.23 9.63 13.78
CA GLU A 176 5.36 10.80 13.84
C GLU A 176 3.87 10.47 13.79
N MET A 177 3.52 9.36 13.18
CA MET A 177 2.13 8.94 13.09
C MET A 177 1.69 8.22 14.36
N ILE A 178 2.52 7.26 14.86
CA ILE A 178 2.21 6.49 16.06
C ILE A 178 2.15 7.40 17.32
N GLU A 179 2.94 8.51 17.32
CA GLU A 179 3.01 9.52 18.39
C GLU A 179 1.96 10.61 18.21
N GLY A 180 0.99 10.37 17.33
CA GLY A 180 -0.10 11.30 17.03
C GLY A 180 0.28 12.63 16.41
N ARG A 181 1.61 12.91 16.31
CA ARG A 181 2.21 14.15 15.77
C ARG A 181 1.75 14.50 14.35
N MET A 182 2.25 15.64 13.85
CA MET A 182 1.93 16.15 12.52
C MET A 182 2.73 15.40 11.49
N HIS A 183 2.14 15.15 10.29
CA HIS A 183 2.80 14.38 9.24
C HIS A 183 2.53 14.85 7.81
N ASP A 184 3.49 14.59 6.92
CA ASP A 184 3.46 14.95 5.50
C ASP A 184 3.78 13.74 4.59
N GLU A 185 4.37 14.00 3.41
CA GLU A 185 4.76 13.01 2.39
C GLU A 185 5.93 12.12 2.81
N LYS A 186 6.70 12.53 3.84
CA LYS A 186 7.85 11.75 4.32
C LYS A 186 7.43 10.46 5.05
N VAL A 187 6.16 10.38 5.46
CA VAL A 187 5.54 9.22 6.10
C VAL A 187 5.63 8.01 5.13
N ASP A 188 5.42 8.28 3.83
CA ASP A 188 5.45 7.26 2.79
C ASP A 188 6.86 6.76 2.47
N LEU A 189 7.90 7.48 2.92
CA LEU A 189 9.29 7.05 2.70
C LEU A 189 9.77 6.13 3.84
N TRP A 190 9.16 6.25 5.04
CA TRP A 190 9.42 5.39 6.17
C TRP A 190 8.90 4.01 5.79
N SER A 191 7.65 3.96 5.24
CA SER A 191 6.95 2.74 4.80
C SER A 191 7.76 2.00 3.73
N LEU A 192 8.36 2.76 2.82
CA LEU A 192 9.20 2.33 1.72
C LEU A 192 10.44 1.61 2.24
N GLY A 193 10.96 2.02 3.39
CA GLY A 193 12.13 1.41 4.01
C GLY A 193 11.74 0.17 4.77
N VAL A 194 10.52 0.17 5.37
CA VAL A 194 9.95 -0.94 6.14
C VAL A 194 9.66 -2.08 5.16
N LEU A 195 9.12 -1.73 3.98
CA LEU A 195 8.85 -2.64 2.87
C LEU A 195 10.09 -3.21 2.27
N CYS A 196 11.09 -2.37 1.95
CA CYS A 196 12.35 -2.85 1.43
C CYS A 196 12.98 -3.91 2.34
N TYR A 197 13.02 -3.64 3.67
CA TYR A 197 13.52 -4.56 4.69
C TYR A 197 12.71 -5.85 4.68
N GLU A 198 11.37 -5.74 4.79
CA GLU A 198 10.47 -6.89 4.82
C GLU A 198 10.62 -7.78 3.58
N PHE A 199 10.79 -7.17 2.38
CA PHE A 199 10.98 -7.89 1.12
C PHE A 199 12.25 -8.73 1.17
N LEU A 200 13.33 -8.19 1.78
CA LEU A 200 14.59 -8.92 1.88
C LEU A 200 14.62 -9.93 2.99
N VAL A 201 14.07 -9.60 4.17
CA VAL A 201 14.17 -10.43 5.37
C VAL A 201 12.98 -11.41 5.54
N GLY A 202 11.80 -11.05 5.06
CA GLY A 202 10.60 -11.88 5.18
C GLY A 202 9.70 -11.44 6.32
N LYS A 203 10.18 -10.47 7.12
CA LYS A 203 9.47 -9.90 8.24
C LYS A 203 9.77 -8.38 8.39
N PRO A 204 8.81 -7.54 8.90
CA PRO A 204 9.06 -6.08 9.01
C PRO A 204 10.10 -5.78 10.07
N PRO A 205 10.90 -4.67 9.97
CA PRO A 205 11.99 -4.45 10.94
C PRO A 205 11.60 -4.21 12.40
N PHE A 206 10.30 -3.99 12.70
CA PHE A 206 9.86 -3.67 14.05
C PHE A 206 8.80 -4.62 14.61
N GLU A 207 8.54 -5.75 13.91
CA GLU A 207 7.60 -6.78 14.34
C GLU A 207 7.86 -7.16 15.77
N ALA A 208 6.78 -7.48 16.49
CA ALA A 208 6.81 -7.85 17.91
C ALA A 208 5.58 -8.73 18.19
N ASN A 209 5.49 -9.30 19.41
CA ASN A 209 4.31 -10.15 19.73
C ASN A 209 3.20 -9.25 20.27
N THR A 210 3.54 -7.96 20.56
CA THR A 210 2.57 -6.99 21.06
C THR A 210 2.69 -5.62 20.35
N TYR A 211 1.52 -4.93 20.24
CA TYR A 211 1.35 -3.59 19.68
C TYR A 211 2.26 -2.66 20.47
N GLN A 212 2.36 -2.97 21.78
CA GLN A 212 3.11 -2.24 22.79
C GLN A 212 4.61 -2.29 22.51
N GLU A 213 5.21 -3.50 22.33
CA GLU A 213 6.63 -3.60 21.96
C GLU A 213 6.91 -2.86 20.60
N THR A 214 6.13 -3.17 19.52
CA THR A 214 6.23 -2.52 18.22
C THR A 214 6.29 -0.99 18.39
N TYR A 215 5.39 -0.38 19.19
CA TYR A 215 5.42 1.06 19.41
C TYR A 215 6.82 1.56 19.92
N LYS A 216 7.41 0.85 20.96
CA LYS A 216 8.73 1.17 21.55
C LYS A 216 9.81 1.08 20.48
N ARG A 217 9.83 -0.06 19.76
CA ARG A 217 10.76 -0.35 18.67
C ARG A 217 10.68 0.73 17.56
N ILE A 218 9.47 1.09 17.07
CA ILE A 218 9.30 2.16 16.06
C ILE A 218 9.81 3.51 16.60
N SER A 219 9.36 3.94 17.82
CA SER A 219 9.74 5.23 18.41
C SER A 219 11.26 5.38 18.64
N ARG A 220 11.95 4.26 18.99
CA ARG A 220 13.39 4.20 19.18
C ARG A 220 14.16 3.89 17.89
N VAL A 221 13.46 3.41 16.83
CA VAL A 221 14.04 2.97 15.55
C VAL A 221 14.99 1.77 15.85
N GLU A 222 14.51 0.81 16.64
CA GLU A 222 15.25 -0.38 17.04
C GLU A 222 15.21 -1.49 15.97
N PHE A 223 16.15 -1.45 15.00
CA PHE A 223 16.22 -2.46 13.93
C PHE A 223 17.65 -2.98 13.65
N THR A 224 17.75 -4.29 13.35
CA THR A 224 19.01 -4.95 13.03
C THR A 224 18.88 -5.81 11.80
N PHE A 225 19.88 -5.70 10.92
CA PHE A 225 19.93 -6.46 9.68
C PHE A 225 20.55 -7.85 9.86
N PRO A 226 19.85 -8.93 9.43
CA PRO A 226 20.52 -10.24 9.37
C PRO A 226 21.61 -10.23 8.28
N ASP A 227 22.63 -11.07 8.48
CA ASP A 227 23.85 -11.27 7.67
C ASP A 227 23.69 -11.14 6.14
N PHE A 228 22.71 -11.85 5.56
CA PHE A 228 22.46 -11.85 4.11
C PHE A 228 22.01 -10.50 3.51
N VAL A 229 21.93 -9.44 4.31
CA VAL A 229 21.53 -8.14 3.76
C VAL A 229 22.82 -7.44 3.42
N THR A 230 23.00 -7.18 2.13
CA THR A 230 24.17 -6.51 1.56
C THR A 230 24.32 -5.05 2.06
N GLU A 231 25.55 -4.48 1.92
CA GLU A 231 25.83 -3.11 2.33
C GLU A 231 24.96 -2.12 1.54
N GLY A 232 24.77 -2.39 0.25
CA GLY A 232 23.97 -1.57 -0.66
C GLY A 232 22.55 -1.35 -0.15
N ALA A 233 21.90 -2.45 0.28
CA ALA A 233 20.54 -2.46 0.84
C ALA A 233 20.55 -1.85 2.24
N ARG A 234 21.49 -2.28 3.15
CA ARG A 234 21.66 -1.76 4.51
C ARG A 234 21.65 -0.24 4.50
N ASP A 235 22.38 0.36 3.56
CA ASP A 235 22.50 1.79 3.36
C ASP A 235 21.14 2.47 3.18
N LEU A 236 20.40 2.12 2.10
CA LEU A 236 19.08 2.64 1.75
C LEU A 236 18.02 2.46 2.87
N ILE A 237 17.96 1.25 3.48
CA ILE A 237 17.01 0.98 4.55
C ILE A 237 17.30 1.93 5.70
N SER A 238 18.58 2.04 6.11
CA SER A 238 19.01 2.95 7.18
C SER A 238 18.74 4.42 6.84
N ARG A 239 18.91 4.78 5.54
CA ARG A 239 18.65 6.11 4.99
C ARG A 239 17.15 6.47 5.08
N LEU A 240 16.25 5.52 4.72
CA LEU A 240 14.79 5.74 4.73
C LEU A 240 14.19 5.60 6.13
N LEU A 241 14.82 4.81 7.02
CA LEU A 241 14.31 4.56 8.38
C LEU A 241 14.91 5.51 9.41
N LYS A 242 14.72 6.83 9.17
CA LYS A 242 15.21 7.91 10.04
C LYS A 242 14.05 8.45 10.85
N HIS A 243 14.22 8.59 12.20
CA HIS A 243 13.19 9.13 13.07
C HIS A 243 12.84 10.57 12.68
N ASN A 244 13.85 11.38 12.31
CA ASN A 244 13.57 12.74 11.88
C ASN A 244 13.06 12.69 10.45
N PRO A 245 11.76 13.02 10.22
CA PRO A 245 11.22 12.96 8.85
C PRO A 245 11.88 13.87 7.81
N SER A 246 12.66 14.89 8.25
CA SER A 246 13.42 15.81 7.37
C SER A 246 14.72 15.14 6.86
N GLN A 247 15.24 14.20 7.67
CA GLN A 247 16.48 13.45 7.44
C GLN A 247 16.31 12.31 6.43
N ARG A 248 15.06 11.98 6.11
CA ARG A 248 14.74 10.95 5.12
C ARG A 248 14.96 11.51 3.69
N PRO A 249 15.33 10.67 2.70
CA PRO A 249 15.54 11.21 1.34
C PRO A 249 14.25 11.51 0.59
N MET A 250 14.39 11.92 -0.65
CA MET A 250 13.28 12.17 -1.54
C MET A 250 13.19 10.94 -2.40
N LEU A 251 12.04 10.74 -3.05
CA LEU A 251 11.80 9.58 -3.92
C LEU A 251 12.77 9.58 -5.11
N ARG A 252 13.26 10.76 -5.49
CA ARG A 252 14.19 11.01 -6.59
C ARG A 252 15.53 10.38 -6.23
N GLU A 253 15.95 10.55 -4.95
CA GLU A 253 17.18 9.99 -4.38
C GLU A 253 17.09 8.45 -4.34
N VAL A 254 15.88 7.92 -4.01
CA VAL A 254 15.62 6.48 -3.89
C VAL A 254 15.80 5.83 -5.26
N LEU A 255 15.07 6.37 -6.24
CA LEU A 255 15.05 5.97 -7.65
C LEU A 255 16.45 5.95 -8.31
N GLU A 256 17.34 6.83 -7.83
CA GLU A 256 18.73 7.00 -8.29
C GLU A 256 19.76 6.27 -7.41
N HIS A 257 19.34 5.65 -6.26
CA HIS A 257 20.26 4.94 -5.35
C HIS A 257 21.08 3.84 -6.08
N PRO A 258 22.41 3.74 -5.84
CA PRO A 258 23.23 2.73 -6.56
C PRO A 258 22.69 1.31 -6.52
N TRP A 259 22.32 0.81 -5.30
CA TRP A 259 21.72 -0.52 -5.09
C TRP A 259 20.40 -0.68 -5.91
N ILE A 260 19.58 0.40 -6.02
CA ILE A 260 18.32 0.43 -6.78
C ILE A 260 18.58 0.34 -8.25
N THR A 261 19.36 1.28 -8.82
CA THR A 261 19.71 1.34 -10.25
C THR A 261 20.42 0.04 -10.71
N ALA A 262 21.34 -0.48 -9.87
CA ALA A 262 22.09 -1.71 -10.13
C ALA A 262 21.21 -2.96 -10.18
N ASN A 263 20.18 -3.07 -9.28
CA ASN A 263 19.34 -4.28 -9.18
C ASN A 263 17.97 -4.19 -9.83
N SER A 264 17.47 -2.97 -10.04
CA SER A 264 16.16 -2.80 -10.65
C SER A 264 16.23 -3.12 -12.12
N SER A 265 15.22 -3.87 -12.58
CA SER A 265 15.07 -4.25 -13.97
C SER A 265 14.02 -3.32 -14.58
N LYS A 266 14.50 -2.29 -15.32
CA LYS A 266 13.66 -1.28 -16.02
C LYS A 266 12.80 -1.94 -17.17
N PRO A 267 11.69 -1.30 -17.66
CA PRO A 267 10.89 -1.95 -18.72
C PRO A 267 11.57 -1.98 -20.11
MG MG B . -6.30 -3.79 2.52
O01 5DN C . -27.89 5.98 2.52
C02 5DN C . -27.01 6.40 3.34
O03 5DN C . -27.31 7.12 4.35
C04 5DN C . -25.46 6.01 3.06
C05 5DN C . -24.92 6.35 1.81
C06 5DN C . -23.54 6.03 1.51
C07 5DN C . -22.88 6.39 0.22
C08 5DN C . -23.58 7.04 -0.85
C09 5DN C . -22.89 7.37 -2.05
C10 5DN C . -21.50 7.10 -2.19
C11 5DN C . -20.83 6.48 -1.11
BR 5DN C . -18.90 6.06 -1.21
C13 5DN C . -21.50 6.13 0.07
N14 5DN C . -22.73 5.39 2.42
C15 5DN C . -23.25 5.05 3.66
C16 5DN C . -22.39 4.39 4.62
F17 5DN C . -21.07 4.11 4.31
C18 5DN C . -22.79 4.01 5.87
C19 5DN C . -24.16 4.28 6.23
C20 5DN C . -25.04 4.93 5.34
C21 5DN C . -24.60 5.34 4.03
PG ATP D . -9.45 -0.39 3.63
O1G ATP D . -10.34 -0.98 4.71
O2G ATP D . -8.01 -0.23 4.03
O3G ATP D . -10.04 0.81 2.94
PB ATP D . -9.55 -3.08 2.88
O1B ATP D . -8.24 -3.52 3.49
O2B ATP D . -10.84 -3.27 3.64
O3B ATP D . -9.43 -1.52 2.48
PA ATP D . -8.50 -3.72 0.37
O1A ATP D . -7.21 -3.50 1.12
O2A ATP D . -8.90 -2.78 -0.74
O3A ATP D . -9.71 -3.79 1.44
O5' ATP D . -8.49 -5.22 -0.23
C5' ATP D . -9.04 -6.30 0.51
C4' ATP D . -8.40 -7.60 0.06
O4' ATP D . -8.94 -8.00 -1.20
C3' ATP D . -6.90 -7.46 -0.11
O3' ATP D . -6.22 -8.37 0.77
C2' ATP D . -6.58 -7.79 -1.55
O2' ATP D . -5.71 -8.92 -1.62
C1' ATP D . -7.92 -8.13 -2.20
N9 ATP D . -8.19 -7.19 -3.31
C8 ATP D . -8.62 -5.92 -3.19
N7 ATP D . -8.76 -5.33 -4.41
C5 ATP D . -8.42 -6.24 -5.34
C6 ATP D . -8.34 -6.26 -6.82
N6 ATP D . -8.67 -5.18 -7.56
N1 ATP D . -7.93 -7.41 -7.41
C2 ATP D . -7.60 -8.50 -6.67
N3 ATP D . -7.64 -8.53 -5.33
C4 ATP D . -8.04 -7.45 -4.62
#